data_5P98
#
_entry.id   5P98
#
_cell.length_a   49.794
_cell.length_b   53.911
_cell.length_c   80.904
_cell.angle_alpha   90.00
_cell.angle_beta   90.00
_cell.angle_gamma   90.00
#
_symmetry.space_group_name_H-M   'P 21 21 21'
#
loop_
_entity.id
_entity.type
_entity.pdbx_description
1 polymer 'Catechol O-methyltransferase'
2 non-polymer 'MAGNESIUM ION'
3 non-polymer 'CHLORIDE ION'
4 non-polymer (4S,5S)-1,2-DITHIANE-4,5-DIOL
5 non-polymer 'PHOSPHATE ION'
6 non-polymer '2-[N-CYCLOHEXYLAMINO]ETHANE SULFONIC ACID'
7 non-polymer 5-(4-fluorophenyl)-2,3-dihydroxy-N-(2-hydroxyethyl)benzamide
8 water water
#
_entity_poly.entity_id   1
_entity_poly.type   'polypeptide(L)'
_entity_poly.pdbx_seq_one_letter_code
;MGDTKEQRILRYVQQNAKPGDPQSVLEAIDTYCTQKEWAMNVGDAKGQIMDAVIREYSPSLVLELGAYCGYSAVRMARLL
QPGARLLTMEMNPDYAAITQQMLNFAGLQDKVTILNGASQDLIPQLKKKYDVDTLDMVFLDHWKDRYLPDTLLLEKCGLL
RKGTVLLADNVIVPGTPDFLAYVRGSSSFECTHYSSYLEYMKVVDGLEKAIYQGPSSPDKS
;
_entity_poly.pdbx_strand_id   A
#
loop_
_chem_comp.id
_chem_comp.type
_chem_comp.name
_chem_comp.formula
77L non-polymer 5-(4-fluorophenyl)-2,3-dihydroxy-N-(2-hydroxyethyl)benzamide 'C15 H14 F N O4'
CL non-polymer 'CHLORIDE ION' 'Cl -1'
D1D non-polymer (4S,5S)-1,2-DITHIANE-4,5-DIOL 'C4 H8 O2 S2'
MG non-polymer 'MAGNESIUM ION' 'Mg 2'
NHE non-polymer '2-[N-CYCLOHEXYLAMINO]ETHANE SULFONIC ACID' 'C8 H17 N O3 S'
PO4 non-polymer 'PHOSPHATE ION' 'O4 P -3'
#
# COMPACT_ATOMS: atom_id res chain seq x y z
N GLY A 2 -18.69 11.63 18.30
CA GLY A 2 -18.09 12.70 17.42
C GLY A 2 -17.32 12.14 16.18
N ASP A 3 -16.65 13.05 15.43
CA ASP A 3 -15.91 12.61 14.26
C ASP A 3 -14.70 11.75 14.65
N THR A 4 -14.27 10.90 13.72
CA THR A 4 -13.06 10.12 13.91
C THR A 4 -11.85 10.88 13.38
N LYS A 5 -10.70 10.37 13.78
CA LYS A 5 -9.44 10.91 13.24
C LYS A 5 -9.37 10.82 11.74
N GLU A 6 -9.85 9.75 11.18
CA GLU A 6 -9.85 9.59 9.72
C GLU A 6 -10.77 10.58 8.99
N GLN A 7 -11.92 10.87 9.57
CA GLN A 7 -12.79 11.89 9.06
C GLN A 7 -12.15 13.25 9.15
N ARG A 8 -11.44 13.51 10.26
CA ARG A 8 -10.75 14.79 10.43
C ARG A 8 -9.65 14.94 9.38
N ILE A 9 -8.93 13.85 9.03
CA ILE A 9 -7.87 13.92 8.03
C ILE A 9 -8.52 14.24 6.66
N LEU A 10 -9.58 13.52 6.33
CA LEU A 10 -10.27 13.79 5.04
C LEU A 10 -10.70 15.26 4.90
N ARG A 11 -11.38 15.72 5.93
CA ARG A 11 -11.86 17.08 5.97
C ARG A 11 -10.70 18.07 5.76
N TYR A 12 -9.62 17.86 6.48
CA TYR A 12 -8.44 18.71 6.36
C TYR A 12 -7.96 18.73 4.96
N VAL A 13 -7.85 17.56 4.33
CA VAL A 13 -7.44 17.51 2.95
C VAL A 13 -8.40 18.33 2.04
N GLN A 14 -9.68 18.10 2.21
CA GLN A 14 -10.67 18.77 1.37
C GLN A 14 -10.57 20.31 1.53
N GLN A 15 -10.11 20.79 2.67
CA GLN A 15 -10.07 22.18 2.98
C GLN A 15 -8.71 22.81 2.83
N ASN A 16 -7.70 22.00 2.58
CA ASN A 16 -6.32 22.51 2.54
C ASN A 16 -5.47 22.05 1.35
N ALA A 17 -6.04 21.29 0.47
CA ALA A 17 -5.39 20.76 -0.74
C ALA A 17 -6.22 21.27 -1.92
N LYS A 18 -5.66 21.11 -3.12
CA LYS A 18 -6.34 21.46 -4.37
C LYS A 18 -6.97 20.21 -5.01
N PRO A 19 -8.27 20.23 -5.34
CA PRO A 19 -8.88 19.12 -6.02
C PRO A 19 -8.15 18.75 -7.26
N GLY A 20 -7.93 17.46 -7.42
CA GLY A 20 -7.25 16.96 -8.58
C GLY A 20 -5.74 17.08 -8.53
N ASP A 21 -5.14 17.41 -7.39
CA ASP A 21 -3.69 17.61 -7.29
C ASP A 21 -3.23 16.62 -6.21
N PRO A 22 -2.77 15.43 -6.65
CA PRO A 22 -2.35 14.38 -5.66
C PRO A 22 -1.23 14.89 -4.73
N GLN A 23 -0.28 15.63 -5.27
CA GLN A 23 0.83 16.08 -4.45
C GLN A 23 0.33 16.97 -3.28
N SER A 24 -0.64 17.86 -3.59
CA SER A 24 -1.17 18.70 -2.51
C SER A 24 -1.89 17.87 -1.47
N VAL A 25 -2.53 16.81 -1.90
CA VAL A 25 -3.23 15.89 -0.96
C VAL A 25 -2.23 15.20 -0.03
N LEU A 26 -1.12 14.71 -0.57
CA LEU A 26 -0.11 14.08 0.25
C LEU A 26 0.43 15.08 1.26
N GLU A 27 0.72 16.30 0.78
CA GLU A 27 1.25 17.33 1.64
CA GLU A 27 1.26 17.35 1.61
C GLU A 27 0.33 17.72 2.74
N ALA A 28 -0.97 17.78 2.43
CA ALA A 28 -1.96 18.14 3.42
C ALA A 28 -2.03 17.04 4.50
N ILE A 29 -2.03 15.76 4.10
CA ILE A 29 -2.05 14.70 5.05
C ILE A 29 -0.84 14.74 5.97
N ASP A 30 0.34 14.91 5.36
CA ASP A 30 1.54 14.89 6.16
CA ASP A 30 1.61 14.99 6.12
C ASP A 30 1.58 16.11 7.12
N THR A 31 1.08 17.27 6.71
CA THR A 31 1.02 18.42 7.57
C THR A 31 0.11 18.13 8.74
N TYR A 32 -1.10 17.62 8.46
CA TYR A 32 -2.01 17.34 9.49
C TYR A 32 -1.42 16.38 10.52
N CYS A 33 -0.73 15.34 10.03
CA CYS A 33 -0.22 14.33 10.89
C CYS A 33 1.01 14.71 11.65
N THR A 34 1.69 15.74 11.22
CA THR A 34 2.85 16.23 11.91
C THR A 34 2.42 17.28 12.93
N GLN A 35 1.43 18.10 12.60
CA GLN A 35 1.05 19.22 13.43
C GLN A 35 -0.11 18.97 14.33
N LYS A 36 -1.05 18.09 13.96
CA LYS A 36 -2.30 17.92 14.65
CA LYS A 36 -2.30 17.93 14.65
C LYS A 36 -2.39 16.57 15.36
N GLU A 37 -2.38 15.48 14.61
CA GLU A 37 -2.57 14.14 15.17
C GLU A 37 -1.79 13.12 14.33
N TRP A 38 -1.00 12.28 14.96
CA TRP A 38 -0.36 11.17 14.28
C TRP A 38 -1.37 10.28 13.68
N ALA A 39 -1.03 9.69 12.52
CA ALA A 39 -1.86 8.63 11.97
C ALA A 39 -0.99 7.70 11.18
N MET A 40 -1.45 6.47 11.01
CA MET A 40 -0.66 5.38 10.41
C MET A 40 -0.61 5.38 8.88
N ASN A 41 -0.47 6.56 8.30
CA ASN A 41 -0.17 6.64 6.85
C ASN A 41 1.31 6.30 6.64
N VAL A 42 1.71 5.86 5.46
CA VAL A 42 3.10 5.44 5.22
CA VAL A 42 3.10 5.40 5.31
C VAL A 42 4.01 6.63 5.50
N GLY A 43 3.56 7.85 5.19
CA GLY A 43 4.28 9.08 5.47
C GLY A 43 5.28 9.45 4.35
N ASP A 44 5.88 10.60 4.55
CA ASP A 44 6.79 11.13 3.51
C ASP A 44 8.17 10.45 3.48
N ALA A 45 8.76 10.07 4.60
CA ALA A 45 10.10 9.42 4.60
C ALA A 45 10.06 8.13 3.84
N LYS A 46 9.20 7.22 4.26
CA LYS A 46 9.04 5.95 3.57
C LYS A 46 8.37 6.15 2.23
N GLY A 47 7.52 7.15 2.10
CA GLY A 47 6.88 7.48 0.86
C GLY A 47 7.84 7.81 -0.28
N GLN A 48 8.91 8.50 0.07
CA GLN A 48 9.95 8.77 -0.92
C GLN A 48 10.64 7.54 -1.45
N ILE A 49 10.83 6.55 -0.59
CA ILE A 49 11.37 5.27 -1.00
C ILE A 49 10.39 4.56 -1.89
N MET A 50 9.11 4.56 -1.52
CA MET A 50 8.03 3.99 -2.37
CA MET A 50 8.07 3.97 -2.35
C MET A 50 8.11 4.60 -3.74
N ASP A 51 8.17 5.93 -3.81
CA ASP A 51 8.18 6.61 -5.07
C ASP A 51 9.35 6.10 -5.93
N ALA A 52 10.51 5.97 -5.36
CA ALA A 52 11.70 5.52 -6.09
C ALA A 52 11.51 4.12 -6.62
N VAL A 53 10.86 3.22 -5.86
CA VAL A 53 10.56 1.85 -6.34
C VAL A 53 9.53 1.90 -7.44
N ILE A 54 8.44 2.64 -7.26
CA ILE A 54 7.43 2.70 -8.31
C ILE A 54 8.02 3.21 -9.65
N ARG A 55 8.83 4.24 -9.56
CA ARG A 55 9.43 4.76 -10.76
C ARG A 55 10.35 3.72 -11.41
N GLU A 56 11.09 2.97 -10.63
CA GLU A 56 12.00 1.98 -11.19
C GLU A 56 11.25 0.95 -12.03
N TYR A 57 10.15 0.43 -11.47
CA TYR A 57 9.43 -0.68 -12.06
C TYR A 57 8.27 -0.34 -12.97
N SER A 58 7.73 0.88 -12.86
CA SER A 58 6.58 1.29 -13.67
CA SER A 58 6.57 1.30 -13.62
C SER A 58 5.54 0.20 -13.76
N PRO A 59 5.02 -0.29 -12.64
CA PRO A 59 4.12 -1.45 -12.71
C PRO A 59 2.83 -1.06 -13.43
N SER A 60 2.29 -2.03 -14.18
CA SER A 60 1.00 -1.87 -14.83
C SER A 60 -0.18 -2.22 -13.95
N LEU A 61 0.05 -3.14 -13.02
CA LEU A 61 -0.99 -3.61 -12.13
C LEU A 61 -0.39 -3.81 -10.74
N VAL A 62 -0.87 -3.02 -9.77
CA VAL A 62 -0.41 -3.06 -8.38
C VAL A 62 -1.56 -3.52 -7.51
N LEU A 63 -1.25 -4.39 -6.54
CA LEU A 63 -2.22 -4.74 -5.50
C LEU A 63 -1.69 -4.17 -4.22
N GLU A 64 -2.52 -3.45 -3.48
CA GLU A 64 -2.26 -2.95 -2.12
C GLU A 64 -3.12 -3.68 -1.12
N LEU A 65 -2.48 -4.16 -0.08
CA LEU A 65 -3.16 -4.82 1.07
C LEU A 65 -3.15 -3.82 2.19
N GLY A 66 -4.33 -3.25 2.47
CA GLY A 66 -4.55 -2.25 3.49
C GLY A 66 -4.44 -0.87 2.91
N ALA A 67 -5.52 -0.12 2.94
CA ALA A 67 -5.60 1.25 2.38
C ALA A 67 -5.48 2.33 3.43
N TYR A 68 -6.14 2.14 4.59
CA TYR A 68 -6.27 3.14 5.66
C TYR A 68 -7.05 4.36 5.15
N CYS A 69 -6.41 5.50 4.94
CA CYS A 69 -7.09 6.67 4.40
C CYS A 69 -6.76 6.97 2.98
N GLY A 70 -5.99 6.12 2.35
CA GLY A 70 -5.70 6.29 0.89
C GLY A 70 -4.39 6.96 0.65
N TYR A 71 -3.58 7.25 1.67
CA TYR A 71 -2.29 7.92 1.41
C TYR A 71 -1.41 7.17 0.46
N SER A 72 -1.12 5.91 0.77
CA SER A 72 -0.26 5.16 -0.10
CA SER A 72 -0.26 5.13 -0.09
C SER A 72 -0.85 4.92 -1.46
N ALA A 73 -2.18 4.76 -1.55
CA ALA A 73 -2.83 4.59 -2.86
C ALA A 73 -2.66 5.89 -3.67
N VAL A 74 -2.80 7.06 -3.08
CA VAL A 74 -2.54 8.31 -3.76
C VAL A 74 -1.07 8.34 -4.18
N ARG A 75 -0.19 7.99 -3.30
CA ARG A 75 1.22 8.06 -3.55
CA ARG A 75 1.27 8.05 -3.58
C ARG A 75 1.57 7.23 -4.81
N MET A 76 1.10 5.98 -4.85
CA MET A 76 1.39 5.09 -5.95
C MET A 76 0.65 5.46 -7.22
N ALA A 77 -0.64 5.74 -7.10
CA ALA A 77 -1.46 5.94 -8.30
C ALA A 77 -1.01 7.18 -9.02
N ARG A 78 -0.53 8.19 -8.31
CA ARG A 78 -0.12 9.43 -9.01
C ARG A 78 1.07 9.22 -9.92
N LEU A 79 1.85 8.18 -9.69
CA LEU A 79 3.01 7.88 -10.46
C LEU A 79 2.82 6.74 -11.49
N LEU A 80 1.66 6.16 -11.55
CA LEU A 80 1.40 5.13 -12.53
C LEU A 80 1.26 5.75 -13.91
N GLN A 81 1.64 4.98 -14.92
CA GLN A 81 1.45 5.42 -16.31
C GLN A 81 -0.01 5.39 -16.70
N PRO A 82 -0.40 6.16 -17.74
CA PRO A 82 -1.77 6.13 -18.17
C PRO A 82 -2.21 4.70 -18.49
N GLY A 83 -3.39 4.32 -18.01
CA GLY A 83 -3.93 2.98 -18.17
C GLY A 83 -3.52 1.95 -17.09
N ALA A 84 -2.46 2.23 -16.33
CA ALA A 84 -2.07 1.32 -15.24
C ALA A 84 -3.06 1.47 -14.12
N ARG A 85 -3.13 0.39 -13.32
CA ARG A 85 -4.20 0.27 -12.31
C ARG A 85 -3.69 -0.21 -10.99
N LEU A 86 -4.39 0.20 -9.94
CA LEU A 86 -4.15 -0.18 -8.55
CA LEU A 86 -4.13 -0.21 -8.59
C LEU A 86 -5.42 -0.78 -8.01
N LEU A 87 -5.32 -1.94 -7.38
CA LEU A 87 -6.41 -2.52 -6.60
C LEU A 87 -5.96 -2.45 -5.12
N THR A 88 -6.82 -1.95 -4.22
CA THR A 88 -6.47 -1.86 -2.81
C THR A 88 -7.54 -2.58 -2.02
N MET A 89 -7.15 -3.42 -1.13
CA MET A 89 -8.02 -4.23 -0.31
C MET A 89 -8.09 -3.69 1.10
N GLU A 90 -9.27 -3.24 1.52
CA GLU A 90 -9.44 -2.58 2.81
C GLU A 90 -10.60 -3.23 3.57
N MET A 91 -10.31 -3.97 4.61
N MET A 91 -10.27 -3.95 4.63
CA MET A 91 -11.38 -4.65 5.30
CA MET A 91 -11.26 -4.68 5.40
C MET A 91 -12.28 -3.75 6.16
C MET A 91 -12.15 -3.85 6.32
N ASN A 92 -11.78 -2.61 6.58
CA ASN A 92 -12.49 -1.74 7.47
C ASN A 92 -13.40 -0.84 6.64
N PRO A 93 -14.71 -0.94 6.72
CA PRO A 93 -15.60 -0.18 5.85
C PRO A 93 -15.47 1.31 6.00
N ASP A 94 -15.26 1.76 7.23
CA ASP A 94 -15.06 3.21 7.43
C ASP A 94 -13.79 3.71 6.76
N TYR A 95 -12.73 2.96 6.89
CA TYR A 95 -11.50 3.27 6.16
C TYR A 95 -11.73 3.22 4.67
N ALA A 96 -12.46 2.23 4.19
CA ALA A 96 -12.69 2.13 2.78
C ALA A 96 -13.38 3.39 2.26
N ALA A 97 -14.38 3.86 2.98
CA ALA A 97 -15.12 5.06 2.57
C ALA A 97 -14.24 6.29 2.58
N ILE A 98 -13.39 6.44 3.57
CA ILE A 98 -12.42 7.55 3.59
C ILE A 98 -11.51 7.48 2.38
N THR A 99 -10.95 6.30 2.18
CA THR A 99 -10.02 6.07 1.04
C THR A 99 -10.70 6.46 -0.27
N GLN A 100 -11.93 6.00 -0.50
CA GLN A 100 -12.62 6.34 -1.78
C GLN A 100 -12.69 7.84 -1.95
N GLN A 101 -13.10 8.52 -0.89
CA GLN A 101 -13.29 9.98 -0.96
C GLN A 101 -11.97 10.68 -1.15
N MET A 102 -10.89 10.15 -0.55
CA MET A 102 -9.55 10.73 -0.71
C MET A 102 -9.09 10.62 -2.15
N LEU A 103 -9.29 9.48 -2.74
CA LEU A 103 -8.97 9.27 -4.12
C LEU A 103 -9.78 10.12 -5.08
N ASN A 104 -11.07 10.25 -4.80
CA ASN A 104 -11.91 11.07 -5.61
C ASN A 104 -11.42 12.52 -5.55
N PHE A 105 -11.10 13.02 -4.37
CA PHE A 105 -10.60 14.42 -4.22
C PHE A 105 -9.30 14.59 -5.01
N ALA A 106 -8.43 13.60 -4.95
CA ALA A 106 -7.18 13.65 -5.66
C ALA A 106 -7.32 13.52 -7.15
N GLY A 107 -8.46 13.11 -7.64
CA GLY A 107 -8.69 12.92 -9.08
C GLY A 107 -8.13 11.61 -9.59
N LEU A 108 -7.90 10.63 -8.70
CA LEU A 108 -7.26 9.37 -9.11
C LEU A 108 -8.24 8.18 -9.18
N GLN A 109 -9.53 8.44 -9.06
CA GLN A 109 -10.53 7.41 -8.95
C GLN A 109 -10.52 6.48 -10.11
N ASP A 110 -10.14 6.95 -11.28
CA ASP A 110 -10.22 6.05 -12.48
C ASP A 110 -9.07 5.05 -12.48
N LYS A 111 -8.02 5.28 -11.68
CA LYS A 111 -6.86 4.42 -11.59
C LYS A 111 -6.95 3.36 -10.52
N VAL A 112 -7.83 3.54 -9.54
CA VAL A 112 -7.79 2.75 -8.33
C VAL A 112 -9.13 2.17 -8.10
N THR A 113 -9.19 0.91 -7.69
CA THR A 113 -10.40 0.22 -7.28
C THR A 113 -10.21 -0.22 -5.83
N ILE A 114 -11.21 0.03 -4.97
N ILE A 114 -10.94 0.45 -4.94
CA ILE A 114 -11.27 -0.53 -3.64
CA ILE A 114 -10.93 0.16 -3.53
C ILE A 114 -12.04 -1.83 -3.65
C ILE A 114 -11.94 -0.93 -3.21
N LEU A 115 -11.44 -2.83 -3.01
N LEU A 115 -11.42 -2.05 -2.77
CA LEU A 115 -12.07 -4.10 -2.76
CA LEU A 115 -12.28 -3.19 -2.48
C LEU A 115 -12.32 -4.17 -1.27
C LEU A 115 -12.44 -3.28 -0.96
N ASN A 116 -13.60 -4.21 -0.86
N ASN A 116 -13.67 -3.19 -0.45
CA ASN A 116 -14.00 -4.17 0.60
CA ASN A 116 -13.88 -3.32 0.99
C ASN A 116 -14.06 -5.63 1.03
C ASN A 116 -14.10 -4.84 1.35
N GLY A 117 -13.26 -5.91 2.02
N GLY A 117 -13.01 -5.55 1.69
CA GLY A 117 -13.22 -7.21 2.55
CA GLY A 117 -13.06 -6.93 2.25
C GLY A 117 -11.80 -7.47 2.92
C GLY A 117 -11.74 -7.43 2.89
N ALA A 118 -11.67 -8.62 3.49
CA ALA A 118 -10.40 -9.17 4.00
C ALA A 118 -9.57 -9.72 2.86
N SER A 119 -8.27 -9.40 2.86
CA SER A 119 -7.34 -9.86 1.82
CA SER A 119 -7.35 -9.82 1.78
C SER A 119 -7.39 -11.36 1.57
N GLN A 120 -7.53 -12.11 2.63
CA GLN A 120 -7.53 -13.57 2.54
CA GLN A 120 -7.51 -13.57 2.50
C GLN A 120 -8.78 -14.12 1.80
N ASP A 121 -9.87 -13.38 1.89
CA ASP A 121 -11.10 -13.67 1.16
C ASP A 121 -11.09 -13.20 -0.28
N LEU A 122 -10.49 -12.05 -0.52
CA LEU A 122 -10.51 -11.44 -1.85
C LEU A 122 -9.38 -11.96 -2.77
N ILE A 123 -8.21 -12.21 -2.23
CA ILE A 123 -7.12 -12.70 -3.08
C ILE A 123 -7.56 -13.90 -3.96
N PRO A 124 -8.25 -14.89 -3.39
CA PRO A 124 -8.64 -16.01 -4.26
C PRO A 124 -9.63 -15.69 -5.35
N GLN A 125 -10.26 -14.52 -5.30
CA GLN A 125 -11.20 -14.04 -6.31
C GLN A 125 -10.57 -13.19 -7.41
N LEU A 126 -9.30 -12.79 -7.25
CA LEU A 126 -8.76 -11.84 -8.19
C LEU A 126 -8.76 -12.30 -9.60
N LYS A 127 -8.39 -13.55 -9.85
CA LYS A 127 -8.45 -14.01 -11.26
C LYS A 127 -9.82 -14.07 -11.90
N LYS A 128 -10.71 -14.75 -11.23
CA LYS A 128 -11.99 -15.01 -11.86
C LYS A 128 -12.92 -13.78 -11.77
N LYS A 129 -12.97 -13.08 -10.65
CA LYS A 129 -13.88 -11.95 -10.51
C LYS A 129 -13.28 -10.64 -11.00
N TYR A 130 -11.98 -10.44 -10.82
CA TYR A 130 -11.37 -9.14 -11.17
C TYR A 130 -10.49 -9.20 -12.40
N ASP A 131 -10.49 -10.36 -13.08
CA ASP A 131 -9.81 -10.55 -14.36
C ASP A 131 -8.30 -10.23 -14.26
N VAL A 132 -7.70 -10.55 -13.12
CA VAL A 132 -6.26 -10.47 -12.95
C VAL A 132 -5.59 -11.71 -13.51
N ASP A 133 -4.44 -11.55 -14.17
CA ASP A 133 -3.56 -12.63 -14.56
C ASP A 133 -2.51 -12.73 -13.46
N THR A 134 -1.46 -11.94 -13.53
CA THR A 134 -0.47 -11.87 -12.51
C THR A 134 -0.24 -10.41 -12.09
N LEU A 135 0.35 -10.20 -10.93
CA LEU A 135 0.56 -8.86 -10.37
C LEU A 135 1.94 -8.42 -10.70
N ASP A 136 2.11 -7.13 -10.99
CA ASP A 136 3.42 -6.58 -11.13
C ASP A 136 4.11 -6.18 -9.82
N MET A 137 3.32 -5.72 -8.87
CA MET A 137 3.79 -5.24 -7.61
CA MET A 137 3.79 -5.24 -7.61
C MET A 137 2.68 -5.39 -6.59
N VAL A 138 3.11 -5.66 -5.36
CA VAL A 138 2.21 -5.75 -4.20
C VAL A 138 2.78 -4.89 -3.13
N PHE A 139 1.96 -4.02 -2.55
CA PHE A 139 2.32 -3.20 -1.40
C PHE A 139 1.58 -3.79 -0.17
N LEU A 140 2.34 -4.22 0.80
CA LEU A 140 1.77 -4.84 2.00
C LEU A 140 1.79 -3.80 3.10
N ASP A 141 0.57 -3.50 3.63
CA ASP A 141 0.42 -2.50 4.66
C ASP A 141 -0.81 -2.74 5.56
N HIS A 142 -1.19 -4.02 5.67
CA HIS A 142 -2.37 -4.40 6.42
C HIS A 142 -1.98 -4.88 7.81
N TRP A 143 -2.71 -5.77 8.44
CA TRP A 143 -2.32 -6.27 9.74
C TRP A 143 -1.00 -7.02 9.58
N LYS A 144 -0.06 -6.81 10.51
CA LYS A 144 1.28 -7.26 10.32
C LYS A 144 1.39 -8.77 10.38
N ASP A 145 0.48 -9.41 11.08
CA ASP A 145 0.45 -10.88 11.09
C ASP A 145 -0.11 -11.48 9.84
N ARG A 146 -0.59 -10.65 8.90
CA ARG A 146 -1.12 -11.17 7.67
C ARG A 146 -0.13 -11.16 6.49
N TYR A 147 1.01 -10.50 6.68
CA TYR A 147 1.95 -10.37 5.57
C TYR A 147 2.40 -11.72 5.07
N LEU A 148 2.89 -12.58 5.96
CA LEU A 148 3.33 -13.90 5.56
C LEU A 148 2.21 -14.79 4.98
N PRO A 149 1.11 -15.00 5.75
CA PRO A 149 0.10 -15.90 5.15
C PRO A 149 -0.42 -15.40 3.80
N ASP A 150 -0.61 -14.08 3.64
CA ASP A 150 -1.17 -13.59 2.42
C ASP A 150 -0.10 -13.68 1.29
N THR A 151 1.19 -13.56 1.54
CA THR A 151 2.20 -13.81 0.54
C THR A 151 2.15 -15.23 0.03
N LEU A 152 1.98 -16.18 0.98
CA LEU A 152 1.89 -17.59 0.61
C LEU A 152 0.61 -17.87 -0.17
N LEU A 153 -0.46 -17.17 0.16
CA LEU A 153 -1.72 -17.28 -0.58
C LEU A 153 -1.63 -16.71 -1.99
N LEU A 154 -0.95 -15.57 -2.14
CA LEU A 154 -0.74 -15.05 -3.48
C LEU A 154 -0.03 -16.06 -4.33
N GLU A 155 1.03 -16.69 -3.78
CA GLU A 155 1.74 -17.70 -4.57
CA GLU A 155 1.77 -17.72 -4.50
C GLU A 155 0.86 -18.89 -4.94
N LYS A 156 0.07 -19.39 -3.97
CA LYS A 156 -0.80 -20.52 -4.20
C LYS A 156 -1.75 -20.23 -5.32
N CYS A 157 -2.30 -19.01 -5.35
CA CYS A 157 -3.31 -18.61 -6.30
C CYS A 157 -2.72 -18.25 -7.66
N GLY A 158 -1.43 -18.36 -7.85
CA GLY A 158 -0.85 -18.13 -9.14
C GLY A 158 -0.77 -16.68 -9.55
N LEU A 159 -0.76 -15.82 -8.57
CA LEU A 159 -0.79 -14.36 -8.83
C LEU A 159 0.60 -13.73 -8.94
N LEU A 160 1.66 -14.45 -8.56
CA LEU A 160 2.99 -13.94 -8.65
C LEU A 160 3.69 -14.47 -9.90
N ARG A 161 4.49 -13.67 -10.56
CA ARG A 161 5.28 -14.06 -11.73
C ARG A 161 6.72 -13.75 -11.42
N LYS A 162 7.62 -14.24 -12.23
CA LYS A 162 9.05 -13.87 -12.12
C LYS A 162 9.17 -12.35 -12.22
N GLY A 163 9.75 -11.74 -11.19
CA GLY A 163 9.93 -10.33 -11.14
C GLY A 163 8.81 -9.59 -10.37
N THR A 164 7.75 -10.19 -9.92
CA THR A 164 6.79 -9.47 -9.12
C THR A 164 7.46 -8.87 -7.89
N VAL A 165 7.21 -7.60 -7.65
CA VAL A 165 7.84 -6.84 -6.56
C VAL A 165 6.89 -6.80 -5.37
N LEU A 166 7.29 -7.37 -4.27
CA LEU A 166 6.62 -7.16 -2.99
C LEU A 166 7.34 -6.01 -2.26
N LEU A 167 6.57 -5.05 -1.79
CA LEU A 167 7.10 -3.97 -0.98
C LEU A 167 6.32 -3.89 0.33
N ALA A 168 6.97 -4.08 1.47
CA ALA A 168 6.28 -4.24 2.72
C ALA A 168 6.60 -3.10 3.63
N ASP A 169 5.58 -2.44 4.16
CA ASP A 169 5.72 -1.42 5.19
C ASP A 169 5.89 -2.00 6.56
N ASN A 170 6.53 -1.27 7.47
CA ASN A 170 6.46 -1.57 8.90
C ASN A 170 7.17 -2.85 9.26
N VAL A 171 8.20 -3.20 8.53
CA VAL A 171 8.88 -4.44 8.84
C VAL A 171 9.64 -4.41 10.10
N ILE A 172 9.94 -3.22 10.65
CA ILE A 172 10.60 -3.02 11.92
C ILE A 172 9.57 -2.60 13.01
N VAL A 173 8.69 -1.63 12.76
CA VAL A 173 7.69 -1.18 13.69
CA VAL A 173 7.69 -1.25 13.71
C VAL A 173 6.36 -1.05 12.99
N PRO A 174 5.29 -1.78 13.40
CA PRO A 174 5.29 -2.74 14.53
C PRO A 174 6.12 -3.98 14.30
N GLY A 175 6.55 -4.25 13.08
CA GLY A 175 7.35 -5.37 12.78
C GLY A 175 6.58 -6.52 12.19
N THR A 176 7.26 -7.26 11.33
CA THR A 176 6.73 -8.43 10.63
CA THR A 176 6.66 -8.46 10.72
C THR A 176 7.76 -9.55 10.67
N PRO A 177 8.11 -10.07 11.86
CA PRO A 177 9.29 -10.93 11.95
C PRO A 177 9.18 -12.23 11.17
N ASP A 178 8.02 -12.84 11.14
CA ASP A 178 7.89 -14.07 10.39
C ASP A 178 8.05 -13.83 8.88
N PHE A 179 7.37 -12.83 8.33
CA PHE A 179 7.45 -12.47 6.93
C PHE A 179 8.93 -12.22 6.57
N LEU A 180 9.62 -11.39 7.38
CA LEU A 180 11.02 -11.03 7.09
C LEU A 180 11.90 -12.24 7.05
N ALA A 181 11.79 -13.10 8.07
CA ALA A 181 12.60 -14.31 8.09
C ALA A 181 12.35 -15.19 6.89
N TYR A 182 11.06 -15.29 6.56
CA TYR A 182 10.67 -16.14 5.45
C TYR A 182 11.25 -15.63 4.11
N VAL A 183 10.93 -14.40 3.75
CA VAL A 183 11.42 -13.95 2.45
C VAL A 183 12.95 -13.92 2.40
N ARG A 184 13.60 -13.52 3.48
CA ARG A 184 15.09 -13.42 3.47
C ARG A 184 15.70 -14.80 3.42
N GLY A 185 14.99 -15.85 3.85
CA GLY A 185 15.52 -17.19 3.79
C GLY A 185 15.13 -18.01 2.61
N SER A 186 14.29 -17.48 1.74
CA SER A 186 13.77 -18.19 0.65
C SER A 186 14.48 -17.90 -0.64
N SER A 187 14.86 -18.95 -1.35
CA SER A 187 15.48 -18.77 -2.67
CA SER A 187 15.42 -18.84 -2.71
C SER A 187 14.49 -18.27 -3.71
N SER A 188 13.21 -18.25 -3.36
CA SER A 188 12.21 -17.71 -4.29
C SER A 188 12.05 -16.20 -4.19
N PHE A 189 12.84 -15.54 -3.34
CA PHE A 189 12.77 -14.08 -3.20
C PHE A 189 14.17 -13.48 -3.18
N GLU A 190 14.32 -12.33 -3.81
CA GLU A 190 15.53 -11.55 -3.71
CA GLU A 190 15.54 -11.54 -3.75
C GLU A 190 15.15 -10.29 -2.97
N CYS A 191 15.73 -10.09 -1.80
CA CYS A 191 15.30 -9.07 -0.86
C CYS A 191 16.27 -7.95 -0.68
N THR A 192 15.71 -6.76 -0.44
CA THR A 192 16.49 -5.54 -0.12
C THR A 192 15.76 -4.85 1.03
N HIS A 193 16.51 -4.38 2.01
CA HIS A 193 15.99 -3.61 3.12
C HIS A 193 16.31 -2.15 2.96
N TYR A 194 15.30 -1.32 3.07
CA TYR A 194 15.41 0.12 2.98
C TYR A 194 15.09 0.70 4.34
N SER A 195 16.14 1.08 5.06
CA SER A 195 15.97 1.59 6.43
C SER A 195 15.44 2.98 6.35
N SER A 196 14.48 3.34 7.21
CA SER A 196 13.86 4.64 7.24
C SER A 196 13.35 4.97 8.60
N TYR A 197 12.20 5.65 8.65
CA TYR A 197 11.63 6.06 9.96
C TYR A 197 10.14 5.81 9.89
N LEU A 198 9.60 5.50 11.06
CA LEU A 198 8.17 5.43 11.26
C LEU A 198 7.54 6.74 10.88
N GLU A 199 6.42 6.70 10.20
CA GLU A 199 5.76 7.91 9.77
C GLU A 199 5.66 8.91 10.88
N TYR A 200 6.08 10.13 10.60
CA TYR A 200 5.91 11.28 11.46
C TYR A 200 6.62 11.19 12.78
N MET A 201 7.59 10.29 12.92
CA MET A 201 8.24 10.04 14.21
C MET A 201 9.74 9.84 14.04
N LYS A 202 10.49 10.18 15.09
CA LYS A 202 11.88 9.90 15.18
C LYS A 202 12.07 8.50 15.78
N VAL A 203 11.67 7.46 15.06
CA VAL A 203 11.73 6.07 15.44
C VAL A 203 12.11 5.35 14.17
N VAL A 204 13.07 4.46 14.23
CA VAL A 204 13.49 3.68 13.03
C VAL A 204 12.39 2.71 12.58
N ASP A 205 12.13 2.67 11.28
CA ASP A 205 11.33 1.63 10.65
C ASP A 205 12.00 1.29 9.33
N GLY A 206 11.36 0.53 8.45
CA GLY A 206 11.89 0.29 7.15
C GLY A 206 10.90 -0.37 6.27
N LEU A 207 11.23 -0.40 5.00
CA LEU A 207 10.50 -1.14 3.99
C LEU A 207 11.36 -2.32 3.55
N GLU A 208 10.74 -3.47 3.30
CA GLU A 208 11.44 -4.56 2.68
C GLU A 208 10.90 -4.72 1.22
N LYS A 209 11.80 -4.84 0.24
CA LYS A 209 11.42 -5.24 -1.08
C LYS A 209 11.82 -6.68 -1.25
N ALA A 210 10.91 -7.49 -1.73
CA ALA A 210 11.18 -8.91 -1.96
C ALA A 210 10.68 -9.21 -3.36
N ILE A 211 11.62 -9.50 -4.29
CA ILE A 211 11.26 -9.74 -5.67
CA ILE A 211 11.30 -9.76 -5.70
C ILE A 211 11.09 -11.25 -5.87
N TYR A 212 9.92 -11.65 -6.33
CA TYR A 212 9.66 -13.06 -6.55
C TYR A 212 10.49 -13.57 -7.72
N GLN A 213 11.08 -14.71 -7.49
CA GLN A 213 11.93 -15.43 -8.45
C GLN A 213 11.33 -16.64 -9.11
N GLY A 214 10.09 -16.96 -8.83
CA GLY A 214 9.47 -18.21 -9.39
C GLY A 214 9.66 -19.31 -8.36
N PRO A 215 9.06 -20.51 -8.62
CA PRO A 215 9.18 -21.67 -7.67
C PRO A 215 10.61 -22.27 -7.45
MG MG B . 2.03 1.06 7.48
CL CL C . -1.03 4.79 3.93
CL CL D . 7.30 11.00 7.65
CL CL E . -5.87 -3.78 7.13
S1 D1D F . 4.56 6.61 18.35
C1 D1D F . 3.55 7.92 18.85
C2 D1D F . 2.08 7.66 19.10
O2 D1D F . 1.62 8.95 19.34
C3 D1D F . 1.40 7.10 17.89
O3 D1D F . 0.02 7.04 18.31
C4 D1D F . 1.98 5.79 17.47
S4 D1D F . 3.56 5.91 16.74
P PO4 G . -6.13 6.56 -17.17
O1 PO4 G . -5.39 7.05 -18.42
O2 PO4 G . -7.28 5.68 -17.65
O3 PO4 G . -5.17 5.78 -16.35
O4 PO4 G . -6.50 7.71 -16.21
C3' NHE H . 2.05 6.65 17.39
C2' NHE H . 1.12 7.47 17.86
C1' NHE H . 1.26 8.04 19.24
C6' NHE H . 2.74 8.30 19.48
N NHE H . 0.52 9.25 19.51
C1 NHE H . -0.78 9.53 18.97
C2 NHE H . -1.41 10.83 19.50
S NHE H . -2.12 11.80 18.34
O1 NHE H . -0.93 12.53 17.79
O2 NHE H . -2.86 11.02 17.31
O3 NHE H . -2.96 12.78 19.10
C5' NHE H . 3.53 7.00 19.41
C4' NHE H . 3.35 6.34 18.05
C4 77L I . 0.39 0.36 12.38
C5 77L I . -0.03 0.08 11.06
C6 77L I . 0.67 0.68 10.03
C7 77L I . 1.75 1.61 14.08
C8 77L I . 3.08 1.88 14.39
C10 77L I . 2.52 2.23 16.65
C20 77L I . -4.14 -1.01 9.61
O18 77L I . -1.74 -1.33 11.88
C16 77L I . -1.17 -0.85 10.87
N17 77L I . -1.64 -1.05 9.68
C19 77L I . -2.85 -1.83 9.38
O21 77L I . -4.18 0.13 8.71
O15 77L I . 0.45 0.36 8.72
C1 77L I . 1.71 1.59 10.32
O14 77L I . 2.33 2.16 9.26
C3 77L I . 1.37 1.25 12.72
C2 77L I . 2.05 1.84 11.61
C12 77L I . 0.81 1.62 15.07
C11 77L I . 1.18 1.93 16.39
F13 77L I . 2.85 2.57 17.91
C9 77L I . 3.47 2.23 15.64
#